data_5FM8
#
_entry.id   5FM8
#
_cell.length_a   97.410
_cell.length_b   97.410
_cell.length_c   106.150
_cell.angle_alpha   90.00
_cell.angle_beta   90.00
_cell.angle_gamma   120.00
#
_symmetry.space_group_name_H-M   'P 65'
#
loop_
_entity.id
_entity.type
_entity.pdbx_description
1 polymer MYOMESIN-1
2 non-polymer 'NICKEL (II) ION'
3 non-polymer 2-AMINO-2-HYDROXYMETHYL-PROPANE-1,3-DIOL
4 water water
#
_entity_poly.entity_id   1
_entity_poly.type   'polypeptide(L)'
_entity_poly.pdbx_seq_one_letter_code
;GSTPAAPLDVKCLEANKDYIIISWKQPAVDGGSPILGYFIDKCEVGTDSWSQCNDTPVKFARFPVTGLIEGRSYIFRVRA
VNKMGIGFPSRVSEPVAALDPAEKARLKSRPS
;
_entity_poly.pdbx_strand_id   A,B,C,D
#
# COMPACT_ATOMS: atom_id res chain seq x y z
N SER A 2 -8.73 -24.35 7.96
CA SER A 2 -7.31 -23.95 8.06
C SER A 2 -7.05 -22.44 8.07
N THR A 3 -7.91 -21.63 7.42
CA THR A 3 -7.93 -20.19 7.63
C THR A 3 -8.46 -19.98 9.09
N PRO A 4 -8.14 -18.84 9.72
CA PRO A 4 -8.57 -18.67 11.10
C PRO A 4 -10.04 -18.41 11.24
N ALA A 5 -10.57 -18.63 12.44
CA ALA A 5 -11.97 -18.27 12.76
C ALA A 5 -12.13 -16.75 12.83
N ALA A 6 -13.37 -16.30 13.01
CA ALA A 6 -13.67 -14.88 13.05
C ALA A 6 -13.23 -14.26 14.39
N PRO A 7 -12.66 -13.04 14.34
CA PRO A 7 -12.45 -12.31 15.60
C PRO A 7 -13.78 -12.03 16.31
N LEU A 8 -13.71 -11.81 17.62
CA LEU A 8 -14.88 -11.59 18.48
C LEU A 8 -14.92 -10.18 19.03
N ASP A 9 -16.12 -9.72 19.38
CA ASP A 9 -16.33 -8.52 20.24
C ASP A 9 -15.68 -7.25 19.72
N VAL A 10 -15.95 -6.90 18.46
CA VAL A 10 -15.41 -5.67 17.89
C VAL A 10 -16.06 -4.50 18.63
N LYS A 11 -15.23 -3.59 19.15
CA LYS A 11 -15.69 -2.49 19.98
C LYS A 11 -14.95 -1.22 19.63
N CYS A 12 -15.53 -0.10 20.02
CA CYS A 12 -14.90 1.21 19.85
C CYS A 12 -14.34 1.69 21.18
N LEU A 13 -13.06 2.04 21.21
CA LEU A 13 -12.41 2.60 22.41
C LEU A 13 -12.47 4.11 22.47
N GLU A 14 -12.56 4.76 21.32
CA GLU A 14 -12.52 6.20 21.27
C GLU A 14 -12.92 6.65 19.89
N ALA A 15 -13.74 7.69 19.79
CA ALA A 15 -14.09 8.25 18.50
C ALA A 15 -13.94 9.73 18.52
N ASN A 16 -13.47 10.25 17.39
CA ASN A 16 -13.56 11.66 17.11
C ASN A 16 -13.82 11.75 15.61
N LYS A 17 -13.87 12.95 15.06
CA LYS A 17 -14.24 13.08 13.62
C LYS A 17 -13.13 12.65 12.65
N ASP A 18 -11.89 12.53 13.14
CA ASP A 18 -10.72 12.23 12.32
C ASP A 18 -10.29 10.78 12.43
N TYR A 19 -10.53 10.14 13.59
CA TYR A 19 -10.26 8.73 13.72
C TYR A 19 -11.12 8.05 14.75
N ILE A 20 -11.31 6.72 14.55
CA ILE A 20 -12.04 5.90 15.45
C ILE A 20 -11.16 4.71 15.81
N ILE A 21 -10.94 4.49 17.11
CA ILE A 21 -10.10 3.42 17.56
C ILE A 21 -10.95 2.20 17.85
N ILE A 22 -10.60 1.07 17.23
CA ILE A 22 -11.37 -0.13 17.51
C ILE A 22 -10.52 -1.22 18.05
N SER A 23 -11.14 -2.10 18.83
CA SER A 23 -10.46 -3.28 19.30
C SER A 23 -11.36 -4.46 19.08
N TRP A 24 -10.78 -5.62 19.26
CA TRP A 24 -11.49 -6.88 19.14
C TRP A 24 -10.71 -7.89 19.95
N LYS A 25 -11.20 -9.12 19.96
CA LYS A 25 -10.48 -10.21 20.56
C LYS A 25 -10.13 -11.24 19.52
N GLN A 26 -8.96 -11.78 19.69
CA GLN A 26 -8.44 -12.87 18.84
CA GLN A 26 -8.44 -12.85 18.86
C GLN A 26 -9.49 -13.97 18.72
N PRO A 27 -9.52 -14.66 17.57
CA PRO A 27 -10.43 -15.80 17.51
C PRO A 27 -9.89 -16.94 18.40
N ALA A 28 -10.79 -17.70 18.99
CA ALA A 28 -10.40 -18.89 19.76
C ALA A 28 -9.72 -19.97 18.91
N VAL A 29 -10.13 -20.07 17.64
CA VAL A 29 -9.51 -21.01 16.68
C VAL A 29 -8.68 -20.27 15.64
N ASP A 30 -7.41 -20.66 15.49
CA ASP A 30 -6.49 -19.99 14.53
C ASP A 30 -6.26 -20.80 13.23
N GLY A 31 -6.95 -21.93 13.12
CA GLY A 31 -6.87 -22.80 11.94
C GLY A 31 -5.69 -23.72 11.88
N GLY A 32 -4.93 -23.84 12.97
CA GLY A 32 -3.72 -24.69 13.00
C GLY A 32 -2.44 -23.96 12.58
N SER A 33 -2.52 -22.65 12.30
CA SER A 33 -1.33 -21.80 12.04
C SER A 33 -1.46 -20.51 12.86
N PRO A 34 -0.34 -19.86 13.23
CA PRO A 34 -0.39 -18.56 13.90
C PRO A 34 -1.14 -17.46 13.14
N ILE A 35 -1.92 -16.67 13.87
CA ILE A 35 -2.59 -15.48 13.29
C ILE A 35 -1.52 -14.47 12.93
N LEU A 36 -1.43 -14.12 11.65
CA LEU A 36 -0.41 -13.21 11.20
C LEU A 36 -0.83 -11.76 11.43
N GLY A 37 -2.14 -11.53 11.55
CA GLY A 37 -2.67 -10.19 11.72
C GLY A 37 -4.13 -10.06 11.30
N TYR A 38 -4.55 -8.83 11.04
CA TYR A 38 -5.97 -8.51 10.96
C TYR A 38 -6.26 -7.41 9.95
N PHE A 39 -7.38 -7.58 9.26
CA PHE A 39 -7.91 -6.56 8.36
C PHE A 39 -9.17 -6.04 9.06
N ILE A 40 -9.33 -4.73 9.01
CA ILE A 40 -10.45 -4.02 9.58
C ILE A 40 -11.17 -3.37 8.42
N ASP A 41 -12.46 -3.62 8.32
CA ASP A 41 -13.29 -3.09 7.26
C ASP A 41 -14.29 -2.18 7.93
N LYS A 42 -14.74 -1.17 7.17
CA LYS A 42 -15.76 -0.25 7.61
C LYS A 42 -16.91 -0.14 6.58
N CYS A 43 -18.08 0.21 7.09
CA CYS A 43 -19.31 0.39 6.30
C CYS A 43 -20.12 1.54 6.90
N GLU A 44 -20.42 2.54 6.07
CA GLU A 44 -21.25 3.63 6.47
C GLU A 44 -22.67 3.11 6.74
N VAL A 45 -23.21 3.55 7.87
CA VAL A 45 -24.54 3.08 8.36
C VAL A 45 -25.66 3.20 7.35
N GLY A 46 -25.69 4.21 6.53
CA GLY A 46 -26.76 4.25 5.49
C GLY A 46 -26.70 3.11 4.45
N THR A 47 -25.56 2.46 4.36
CA THR A 47 -25.31 1.63 3.28
C THR A 47 -25.65 0.36 4.11
N ASP A 48 -24.48 -0.77 2.14
N ASP A 48 -24.59 -0.91 2.01
CA ASP A 48 -24.00 -2.11 2.26
CA ASP A 48 -24.00 -2.20 2.18
C ASP A 48 -22.59 -2.24 1.65
C ASP A 48 -22.58 -2.25 1.66
N SER A 49 -21.88 -1.11 1.52
CA SER A 49 -20.55 -1.09 0.89
C SER A 49 -19.41 -1.11 1.90
N TRP A 50 -18.68 -2.21 1.95
CA TRP A 50 -17.54 -2.35 2.88
C TRP A 50 -16.22 -1.92 2.23
N SER A 51 -15.43 -1.06 2.90
CA SER A 51 -14.08 -0.74 2.47
C SER A 51 -13.05 -1.29 3.47
N GLN A 52 -11.93 -1.74 2.95
CA GLN A 52 -10.80 -2.18 3.77
CA GLN A 52 -10.76 -2.16 3.75
C GLN A 52 -10.03 -0.97 4.31
N CYS A 53 -9.88 -0.88 5.64
CA CYS A 53 -9.20 0.28 6.23
C CYS A 53 -7.69 0.17 6.22
N ASN A 54 -7.13 -1.03 6.26
CA ASN A 54 -5.68 -1.20 6.14
C ASN A 54 -5.34 -2.13 4.98
N ASP A 55 -4.27 -1.82 4.28
CA ASP A 55 -3.81 -2.56 3.09
C ASP A 55 -3.04 -3.81 3.44
N THR A 56 -2.30 -3.75 4.56
CA THR A 56 -1.53 -4.87 5.05
C THR A 56 -1.96 -5.18 6.49
N PRO A 57 -1.99 -6.46 6.87
CA PRO A 57 -2.53 -6.79 8.15
C PRO A 57 -1.77 -6.11 9.29
N VAL A 58 -2.49 -5.81 10.37
CA VAL A 58 -1.90 -5.26 11.58
C VAL A 58 -1.88 -6.36 12.64
N LYS A 59 -0.77 -6.45 13.38
CA LYS A 59 -0.63 -7.52 14.38
C LYS A 59 -1.50 -7.29 15.63
N PHE A 60 -1.65 -6.03 15.97
CA PHE A 60 -2.16 -5.60 17.26
C PHE A 60 -3.66 -5.51 17.20
N ALA A 61 -4.27 -5.44 18.37
CA ALA A 61 -5.74 -5.49 18.52
C ALA A 61 -6.43 -4.13 18.82
N ARG A 62 -5.86 -3.02 18.34
CA ARG A 62 -6.43 -1.64 18.50
C ARG A 62 -6.09 -0.62 17.41
N PHE A 63 -6.90 -0.64 16.38
CA PHE A 63 -6.58 0.02 15.14
C PHE A 63 -7.24 1.40 15.09
N PRO A 64 -6.45 2.43 14.75
CA PRO A 64 -7.08 3.70 14.43
C PRO A 64 -7.58 3.79 12.97
N VAL A 65 -8.89 3.77 12.83
CA VAL A 65 -9.49 3.94 11.49
C VAL A 65 -9.55 5.40 11.12
N THR A 66 -9.05 5.73 9.91
CA THR A 66 -9.05 7.07 9.38
C THR A 66 -9.81 7.01 8.03
N GLY A 67 -9.76 8.07 7.25
CA GLY A 67 -10.56 8.17 6.02
C GLY A 67 -12.04 8.34 6.30
N LEU A 68 -12.37 9.06 7.35
CA LEU A 68 -13.72 9.27 7.80
C LEU A 68 -14.27 10.60 7.31
N ILE A 69 -15.57 10.63 7.16
CA ILE A 69 -16.30 11.87 6.80
C ILE A 69 -16.99 12.29 8.09
N GLU A 70 -16.66 13.49 8.57
CA GLU A 70 -17.20 14.02 9.79
C GLU A 70 -18.73 13.94 9.74
N GLY A 71 -19.32 13.40 10.80
CA GLY A 71 -20.78 13.33 10.91
C GLY A 71 -21.47 12.09 10.39
N ARG A 72 -20.76 11.28 9.58
CA ARG A 72 -21.26 9.99 9.14
C ARG A 72 -20.97 8.96 10.20
N SER A 73 -21.77 7.90 10.22
CA SER A 73 -21.63 6.87 11.21
C SER A 73 -21.19 5.60 10.51
N TYR A 74 -20.43 4.78 11.22
CA TYR A 74 -19.81 3.57 10.65
C TYR A 74 -19.96 2.37 11.54
N ILE A 75 -20.10 1.21 10.91
CA ILE A 75 -19.98 -0.05 11.60
C ILE A 75 -18.70 -0.71 11.11
N PHE A 76 -18.14 -1.59 11.93
CA PHE A 76 -16.86 -2.22 11.57
C PHE A 76 -16.90 -3.74 11.69
N ARG A 77 -16.00 -4.39 10.95
CA ARG A 77 -15.75 -5.82 11.13
C ARG A 77 -14.26 -6.06 10.94
N VAL A 78 -13.82 -7.21 11.45
CA VAL A 78 -12.42 -7.59 11.47
C VAL A 78 -12.31 -9.00 10.92
N ARG A 79 -11.31 -9.21 10.09
CA ARG A 79 -10.99 -10.53 9.52
C ARG A 79 -9.58 -10.89 10.00
N ALA A 80 -9.36 -12.14 10.41
CA ALA A 80 -8.05 -12.61 10.83
C ALA A 80 -7.33 -13.33 9.69
N VAL A 81 -6.01 -13.19 9.62
CA VAL A 81 -5.21 -13.80 8.54
C VAL A 81 -4.18 -14.76 9.14
N ASN A 82 -4.05 -15.93 8.55
CA ASN A 82 -2.89 -16.80 8.81
C ASN A 82 -2.26 -17.16 7.50
N LYS A 83 -1.28 -18.08 7.54
CA LYS A 83 -0.59 -18.42 6.33
C LYS A 83 -1.47 -19.04 5.24
N MET A 84 -2.55 -19.65 5.65
CA MET A 84 -3.52 -20.20 4.71
C MET A 84 -4.34 -19.14 3.97
N GLY A 85 -4.52 -17.96 4.58
CA GLY A 85 -5.40 -16.94 4.05
C GLY A 85 -6.21 -16.22 5.10
N ILE A 86 -7.27 -15.56 4.63
CA ILE A 86 -8.12 -14.68 5.47
C ILE A 86 -9.37 -15.43 5.89
N GLY A 87 -9.71 -15.39 7.20
CA GLY A 87 -10.92 -15.99 7.67
C GLY A 87 -12.16 -15.11 7.47
N PHE A 88 -13.31 -15.62 7.89
CA PHE A 88 -14.60 -14.88 7.81
C PHE A 88 -14.59 -13.68 8.76
N PRO A 89 -15.36 -12.63 8.43
CA PRO A 89 -15.34 -11.46 9.27
C PRO A 89 -16.01 -11.70 10.61
N SER A 90 -15.62 -10.93 11.61
CA SER A 90 -16.32 -10.92 12.88
C SER A 90 -17.78 -10.43 12.68
N ARG A 91 -18.62 -10.66 13.67
CA ARG A 91 -19.88 -9.94 13.74
C ARG A 91 -19.57 -8.46 13.68
N VAL A 92 -20.48 -7.69 13.09
CA VAL A 92 -20.25 -6.25 12.93
C VAL A 92 -20.38 -5.51 14.30
N SER A 93 -19.66 -4.41 14.46
CA SER A 93 -19.74 -3.57 15.65
C SER A 93 -21.03 -2.79 15.73
N GLU A 94 -21.25 -2.17 16.89
CA GLU A 94 -22.24 -1.13 17.01
C GLU A 94 -21.80 0.05 16.16
N PRO A 95 -22.78 0.86 15.70
CA PRO A 95 -22.43 2.07 14.96
C PRO A 95 -21.65 3.13 15.77
N VAL A 96 -20.73 3.82 15.11
CA VAL A 96 -20.00 4.92 15.71
C VAL A 96 -20.05 6.12 14.80
N ALA A 97 -20.40 7.26 15.36
CA ALA A 97 -20.35 8.50 14.63
C ALA A 97 -18.97 9.14 14.63
N ALA A 98 -18.54 9.59 13.48
CA ALA A 98 -17.34 10.37 13.39
C ALA A 98 -17.59 11.83 13.78
N LEU A 99 -17.66 12.05 15.08
CA LEU A 99 -17.78 13.37 15.68
C LEU A 99 -16.81 13.49 16.81
N ASP A 100 -16.29 14.70 17.02
CA ASP A 100 -15.54 14.98 18.24
C ASP A 100 -16.45 14.86 19.47
N PRO A 101 -15.89 14.39 20.59
CA PRO A 101 -16.71 14.22 21.79
C PRO A 101 -17.06 15.56 22.49
N ALA A 102 -17.79 15.46 23.59
CA ALA A 102 -17.99 16.54 24.59
C ALA A 102 -18.35 17.91 24.03
N SER B 2 -23.59 -13.19 -1.51
CA SER B 2 -23.47 -11.76 -1.88
C SER B 2 -22.04 -11.32 -2.22
N THR B 3 -21.03 -11.97 -1.66
CA THR B 3 -19.65 -11.81 -2.07
C THR B 3 -19.54 -12.53 -3.44
N PRO B 4 -18.60 -12.11 -4.33
CA PRO B 4 -18.58 -12.75 -5.65
C PRO B 4 -18.11 -14.20 -5.61
N ALA B 5 -18.44 -14.93 -6.65
CA ALA B 5 -17.92 -16.30 -6.83
C ALA B 5 -16.41 -16.26 -7.11
N ALA B 6 -15.79 -17.43 -7.17
CA ALA B 6 -14.37 -17.58 -7.46
C ALA B 6 -14.04 -17.30 -8.96
N PRO B 7 -12.95 -16.56 -9.23
CA PRO B 7 -12.47 -16.44 -10.61
C PRO B 7 -12.11 -17.81 -11.17
N LEU B 8 -12.12 -17.91 -12.49
CA LEU B 8 -11.89 -19.18 -13.22
C LEU B 8 -10.61 -19.14 -14.01
N ASP B 9 -10.03 -20.31 -14.24
CA ASP B 9 -8.99 -20.51 -15.26
C ASP B 9 -7.78 -19.60 -15.08
N VAL B 10 -7.22 -19.62 -13.88
CA VAL B 10 -6.00 -18.86 -13.63
C VAL B 10 -4.87 -19.48 -14.47
N LYS B 11 -4.17 -18.66 -15.24
CA LYS B 11 -3.17 -19.12 -16.19
C LYS B 11 -2.00 -18.19 -16.22
N CYS B 12 -0.89 -18.68 -16.75
CA CYS B 12 0.30 -17.89 -16.89
C CYS B 12 0.48 -17.51 -18.36
N LEU B 13 0.63 -16.22 -18.62
CA LEU B 13 0.91 -15.73 -19.97
C LEU B 13 2.39 -15.65 -20.30
N GLU B 14 3.24 -15.50 -19.29
CA GLU B 14 4.64 -15.27 -19.52
C GLU B 14 5.36 -15.39 -18.19
N ALA B 15 6.50 -16.07 -18.18
CA ALA B 15 7.30 -16.14 -16.98
C ALA B 15 8.73 -15.84 -17.31
N ASN B 16 9.37 -15.16 -16.38
CA ASN B 16 10.80 -15.08 -16.36
C ASN B 16 11.19 -15.14 -14.87
N LYS B 17 12.47 -15.00 -14.55
CA LYS B 17 12.90 -15.07 -13.13
C LYS B 17 12.52 -13.86 -12.26
N ASP B 18 12.17 -12.74 -12.89
CA ASP B 18 11.80 -11.50 -12.20
C ASP B 18 10.30 -11.25 -12.07
N TYR B 19 9.51 -11.72 -13.04
CA TYR B 19 8.07 -11.60 -12.93
C TYR B 19 7.35 -12.68 -13.70
N ILE B 20 6.14 -13.01 -13.21
CA ILE B 20 5.26 -13.93 -13.82
C ILE B 20 3.90 -13.27 -14.07
N ILE B 21 3.45 -13.29 -15.32
CA ILE B 21 2.20 -12.60 -15.71
C ILE B 21 1.08 -13.61 -15.67
N ILE B 22 0.07 -13.33 -14.89
CA ILE B 22 -1.05 -14.23 -14.83
C ILE B 22 -2.35 -13.57 -15.29
N SER B 23 -3.24 -14.40 -15.79
CA SER B 23 -4.57 -13.97 -16.14
C SER B 23 -5.56 -14.97 -15.60
N TRP B 24 -6.81 -14.56 -15.62
CA TRP B 24 -7.90 -15.37 -15.16
C TRP B 24 -9.14 -14.89 -15.88
N LYS B 25 -10.25 -15.55 -15.63
CA LYS B 25 -11.54 -15.05 -16.10
C LYS B 25 -12.41 -14.66 -14.94
N GLN B 26 -13.18 -13.60 -15.18
CA GLN B 26 -14.18 -13.14 -14.22
CA GLN B 26 -14.14 -13.12 -14.18
C GLN B 26 -15.06 -14.26 -13.74
N PRO B 27 -15.57 -14.19 -12.49
CA PRO B 27 -16.52 -15.22 -12.10
C PRO B 27 -17.86 -15.01 -12.84
N ALA B 28 -18.56 -16.09 -13.15
CA ALA B 28 -19.89 -15.99 -13.76
C ALA B 28 -20.92 -15.34 -12.82
N VAL B 29 -20.75 -15.54 -11.51
CA VAL B 29 -21.61 -14.93 -10.50
C VAL B 29 -20.83 -13.84 -9.74
N ASP B 30 -21.38 -12.63 -9.71
CA ASP B 30 -20.74 -11.48 -9.03
C ASP B 30 -21.35 -11.16 -7.64
N GLY B 31 -22.32 -11.97 -7.21
CA GLY B 31 -22.98 -11.81 -5.93
C GLY B 31 -24.07 -10.76 -5.86
N GLY B 32 -24.49 -10.23 -7.02
CA GLY B 32 -25.52 -9.18 -7.09
C GLY B 32 -24.98 -7.77 -7.06
N SER B 33 -23.66 -7.62 -7.04
CA SER B 33 -23.01 -6.32 -7.09
C SER B 33 -21.82 -6.38 -8.06
N PRO B 34 -21.44 -5.26 -8.70
CA PRO B 34 -20.26 -5.25 -9.59
C PRO B 34 -18.93 -5.68 -8.95
N ILE B 35 -18.14 -6.46 -9.69
CA ILE B 35 -16.80 -6.85 -9.23
C ILE B 35 -15.95 -5.59 -9.19
N LEU B 36 -15.42 -5.25 -8.02
CA LEU B 36 -14.59 -4.08 -7.88
C LEU B 36 -13.16 -4.35 -8.33
N GLY B 37 -12.74 -5.62 -8.34
CA GLY B 37 -11.35 -5.97 -8.62
C GLY B 37 -10.93 -7.27 -7.98
N TYR B 38 -9.63 -7.48 -7.89
CA TYR B 38 -9.07 -8.83 -7.67
C TYR B 38 -7.82 -8.81 -6.82
N PHE B 39 -7.66 -9.85 -6.00
CA PHE B 39 -6.44 -10.10 -5.27
C PHE B 39 -5.85 -11.35 -5.80
N ILE B 40 -4.54 -11.31 -5.98
CA ILE B 40 -3.78 -12.43 -6.52
C ILE B 40 -2.85 -12.88 -5.37
N ASP B 41 -2.87 -14.17 -5.06
CA ASP B 41 -2.02 -14.74 -4.02
C ASP B 41 -1.12 -15.75 -4.66
N LYS B 42 0.06 -15.93 -4.07
CA LYS B 42 1.06 -16.90 -4.56
C LYS B 42 1.46 -17.82 -3.42
N CYS B 43 1.89 -19.02 -3.80
CA CYS B 43 2.38 -20.04 -2.90
C CYS B 43 3.53 -20.82 -3.58
N GLU B 44 4.69 -20.90 -2.92
CA GLU B 44 5.80 -21.68 -3.40
C GLU B 44 5.40 -23.13 -3.35
N VAL B 45 5.65 -23.83 -4.44
CA VAL B 45 5.22 -25.24 -4.57
C VAL B 45 5.65 -26.19 -3.44
N GLY B 46 6.82 -26.00 -2.86
CA GLY B 46 7.13 -26.83 -1.68
C GLY B 46 6.22 -26.66 -0.43
N THR B 47 5.43 -25.59 -0.39
CA THR B 47 4.80 -25.11 0.84
C THR B 47 3.27 -24.98 0.85
N ASP B 48 2.73 -24.53 1.99
CA ASP B 48 1.32 -24.21 2.16
C ASP B 48 1.11 -22.73 2.55
N SER B 49 2.11 -21.87 2.38
CA SER B 49 2.04 -20.47 2.80
C SER B 49 1.69 -19.55 1.65
N TRP B 50 0.51 -18.97 1.72
CA TRP B 50 0.05 -18.05 0.68
C TRP B 50 0.42 -16.61 1.06
N SER B 51 1.01 -15.86 0.12
CA SER B 51 1.21 -14.44 0.29
C SER B 51 0.34 -13.66 -0.73
N GLN B 52 -0.22 -12.53 -0.29
CA GLN B 52 -0.94 -11.61 -1.17
C GLN B 52 -0.01 -10.75 -1.99
N CYS B 53 -0.12 -10.82 -3.30
CA CYS B 53 0.80 -10.11 -4.18
C CYS B 53 0.47 -8.64 -4.31
N ASN B 54 -0.81 -8.26 -4.24
CA ASN B 54 -1.19 -6.83 -4.33
C ASN B 54 -1.97 -6.40 -3.11
N ASP B 55 -1.71 -5.20 -2.62
CA ASP B 55 -2.33 -4.68 -1.41
C ASP B 55 -3.74 -4.16 -1.64
N THR B 56 -3.96 -3.63 -2.83
CA THR B 56 -5.25 -3.10 -3.21
C THR B 56 -5.71 -3.79 -4.50
N PRO B 57 -7.01 -4.03 -4.63
CA PRO B 57 -7.46 -4.83 -5.75
C PRO B 57 -7.11 -4.19 -7.10
N VAL B 58 -6.86 -5.03 -8.09
CA VAL B 58 -6.62 -4.58 -9.48
C VAL B 58 -7.86 -4.86 -10.28
N LYS B 59 -8.25 -3.93 -11.15
CA LYS B 59 -9.48 -4.07 -11.96
C LYS B 59 -9.32 -5.09 -13.10
N PHE B 60 -8.12 -5.11 -13.63
CA PHE B 60 -7.82 -5.80 -14.88
C PHE B 60 -7.48 -7.27 -14.61
N ALA B 61 -7.48 -8.05 -15.68
CA ALA B 61 -7.33 -9.52 -15.60
C ALA B 61 -5.95 -10.07 -16.02
N ARG B 62 -4.87 -9.29 -15.87
CA ARG B 62 -3.46 -9.71 -16.20
C ARG B 62 -2.34 -9.07 -15.36
N PHE B 63 -2.06 -9.72 -14.24
CA PHE B 63 -1.23 -9.15 -13.18
C PHE B 63 0.20 -9.62 -13.26
N PRO B 64 1.15 -8.68 -13.20
CA PRO B 64 2.54 -9.10 -13.10
C PRO B 64 2.96 -9.35 -11.66
N VAL B 65 3.12 -10.60 -11.31
CA VAL B 65 3.60 -10.95 -9.97
C VAL B 65 5.12 -10.79 -9.89
N THR B 66 5.60 -10.09 -8.87
CA THR B 66 7.04 -9.88 -8.60
C THR B 66 7.33 -10.44 -7.20
N GLY B 67 8.50 -10.14 -6.65
CA GLY B 67 8.91 -10.68 -5.36
C GLY B 67 9.21 -12.18 -5.45
N LEU B 68 9.77 -12.60 -6.59
CA LEU B 68 10.09 -14.00 -6.84
C LEU B 68 11.54 -14.32 -6.53
N ILE B 69 11.80 -15.58 -6.20
CA ILE B 69 13.13 -16.11 -6.01
C ILE B 69 13.40 -16.97 -7.25
N GLU B 70 14.47 -16.63 -7.97
CA GLU B 70 14.83 -17.31 -9.20
C GLU B 70 14.95 -18.82 -8.95
N GLY B 71 14.31 -19.62 -9.81
CA GLY B 71 14.38 -21.06 -9.72
C GLY B 71 13.33 -21.77 -8.90
N ARG B 72 12.63 -21.03 -8.04
CA ARG B 72 11.55 -21.58 -7.26
C ARG B 72 10.32 -21.57 -8.13
N SER B 73 9.38 -22.44 -7.80
CA SER B 73 8.13 -22.55 -8.58
C SER B 73 6.97 -22.12 -7.71
N TYR B 74 5.95 -21.52 -8.35
CA TYR B 74 4.82 -20.94 -7.63
C TYR B 74 3.50 -21.36 -8.25
N ILE B 75 2.50 -21.49 -7.39
CA ILE B 75 1.13 -21.67 -7.85
C ILE B 75 0.39 -20.42 -7.45
N PHE B 76 -0.65 -20.09 -8.19
CA PHE B 76 -1.40 -18.83 -7.91
C PHE B 76 -2.89 -19.03 -7.79
N ARG B 77 -3.53 -18.14 -6.99
CA ARG B 77 -4.97 -18.09 -6.95
C ARG B 77 -5.39 -16.66 -6.94
N VAL B 78 -6.67 -16.44 -7.29
CA VAL B 78 -7.24 -15.12 -7.43
C VAL B 78 -8.54 -15.08 -6.68
N ARG B 79 -8.75 -14.01 -5.95
CA ARG B 79 -9.99 -13.78 -5.20
C ARG B 79 -10.64 -12.56 -5.82
N ALA B 80 -11.95 -12.60 -6.05
CA ALA B 80 -12.68 -11.43 -6.53
C ALA B 80 -13.27 -10.63 -5.40
N VAL B 81 -13.36 -9.30 -5.56
CA VAL B 81 -13.95 -8.44 -4.53
C VAL B 81 -15.16 -7.66 -5.08
N ASN B 82 -16.21 -7.56 -4.31
CA ASN B 82 -17.29 -6.60 -4.59
C ASN B 82 -17.55 -5.83 -3.33
N LYS B 83 -18.59 -5.02 -3.36
CA LYS B 83 -18.87 -4.19 -2.20
C LYS B 83 -19.15 -4.95 -0.89
N MET B 84 -19.61 -6.18 -1.00
CA MET B 84 -19.86 -7.00 0.16
C MET B 84 -18.58 -7.54 0.78
N GLY B 85 -17.52 -7.67 -0.01
CA GLY B 85 -16.28 -8.27 0.46
C GLY B 85 -15.60 -9.14 -0.60
N ILE B 86 -14.71 -10.01 -0.12
CA ILE B 86 -13.84 -10.84 -0.93
C ILE B 86 -14.42 -12.25 -1.03
N GLY B 87 -14.53 -12.77 -2.26
CA GLY B 87 -15.06 -14.12 -2.44
C GLY B 87 -13.97 -15.18 -2.20
N PHE B 88 -14.36 -16.44 -2.30
CA PHE B 88 -13.42 -17.56 -2.20
C PHE B 88 -12.41 -17.57 -3.36
N PRO B 89 -11.27 -18.19 -3.14
CA PRO B 89 -10.24 -18.11 -4.17
C PRO B 89 -10.59 -19.00 -5.33
N SER B 90 -10.09 -18.69 -6.50
CA SER B 90 -10.16 -19.60 -7.62
C SER B 90 -9.45 -20.90 -7.31
N ARG B 91 -9.70 -21.92 -8.14
CA ARG B 91 -8.82 -23.08 -8.18
C ARG B 91 -7.40 -22.57 -8.38
N VAL B 92 -6.43 -23.26 -7.82
CA VAL B 92 -5.04 -22.86 -7.98
C VAL B 92 -4.53 -23.13 -9.41
N SER B 93 -3.60 -22.31 -9.86
CA SER B 93 -2.98 -22.47 -11.19
C SER B 93 -2.06 -23.69 -11.24
N GLU B 94 -1.63 -24.01 -12.46
CA GLU B 94 -0.51 -24.89 -12.66
C GLU B 94 0.73 -24.22 -12.13
N PRO B 95 1.72 -25.02 -11.70
CA PRO B 95 2.93 -24.39 -11.19
C PRO B 95 3.73 -23.64 -12.28
N VAL B 96 4.40 -22.55 -11.90
CA VAL B 96 5.26 -21.82 -12.83
C VAL B 96 6.58 -21.59 -12.20
N ALA B 97 7.64 -21.94 -12.92
CA ALA B 97 8.99 -21.68 -12.42
C ALA B 97 9.40 -20.24 -12.72
N ALA B 98 10.01 -19.59 -11.75
CA ALA B 98 10.66 -18.33 -11.98
C ALA B 98 12.04 -18.49 -12.62
N LEU B 99 12.02 -18.69 -13.93
CA LEU B 99 13.22 -18.81 -14.75
C LEU B 99 13.03 -18.04 -16.00
N ASP B 100 14.11 -17.45 -16.50
CA ASP B 100 14.08 -16.86 -17.82
C ASP B 100 13.88 -17.93 -18.87
N PRO B 101 13.19 -17.60 -19.94
CA PRO B 101 12.92 -18.63 -20.94
C PRO B 101 14.14 -18.93 -21.81
N ALA B 102 13.97 -19.84 -22.76
CA ALA B 102 14.93 -20.06 -23.87
C ALA B 102 16.36 -20.00 -23.33
N SER C 2 5.30 29.38 -4.54
N SER C 2 5.18 29.37 -4.96
CA SER C 2 3.97 28.87 -5.00
CA SER C 2 3.95 28.65 -5.39
C SER C 2 3.56 27.54 -4.37
C SER C 2 3.55 27.48 -4.48
N THR C 3 4.53 26.70 -4.00
CA THR C 3 4.28 25.55 -3.14
C THR C 3 3.98 26.09 -1.72
N PRO C 4 3.22 25.35 -0.89
CA PRO C 4 2.84 25.95 0.41
C PRO C 4 3.99 26.05 1.38
N ALA C 5 3.86 26.92 2.37
CA ALA C 5 4.82 27.02 3.45
C ALA C 5 4.75 25.77 4.34
N ALA C 6 5.69 25.68 5.28
CA ALA C 6 5.80 24.50 6.16
C ALA C 6 4.68 24.53 7.22
N PRO C 7 4.04 23.38 7.49
CA PRO C 7 3.14 23.34 8.64
C PRO C 7 3.88 23.70 9.95
N LEU C 8 3.14 24.13 10.96
CA LEU C 8 3.69 24.59 12.25
C LEU C 8 3.29 23.64 13.39
N ASP C 9 4.12 23.62 14.43
CA ASP C 9 3.76 23.08 15.74
C ASP C 9 3.31 21.62 15.70
N VAL C 10 4.14 20.77 15.09
CA VAL C 10 3.85 19.34 15.07
C VAL C 10 3.95 18.84 16.51
N LYS C 11 2.91 18.16 16.98
CA LYS C 11 2.81 17.72 18.37
C LYS C 11 2.23 16.33 18.45
N CYS C 12 2.44 15.68 19.60
CA CYS C 12 1.89 14.38 19.88
C CYS C 12 0.75 14.50 20.85
N LEU C 13 -0.42 13.98 20.47
CA LEU C 13 -1.58 13.97 21.33
C LEU C 13 -1.64 12.73 22.23
N GLU C 14 -1.05 11.63 21.78
CA GLU C 14 -1.19 10.36 22.48
C GLU C 14 -0.20 9.37 21.89
N ALA C 15 0.46 8.60 22.75
CA ALA C 15 1.35 7.56 22.28
C ALA C 15 1.14 6.27 23.03
N ASN C 16 1.24 5.19 22.29
CA ASN C 16 1.36 3.88 22.86
C ASN C 16 2.34 3.14 21.97
N LYS C 17 2.59 1.86 22.24
CA LYS C 17 3.56 1.10 21.43
C LYS C 17 3.11 0.77 19.99
N ASP C 18 1.80 0.84 19.72
CA ASP C 18 1.21 0.50 18.42
C ASP C 18 0.90 1.71 17.54
N TYR C 19 0.56 2.84 18.13
CA TYR C 19 0.36 4.04 17.33
C TYR C 19 0.64 5.32 18.12
N ILE C 20 1.02 6.36 17.38
CA ILE C 20 1.26 7.68 17.91
C ILE C 20 0.43 8.68 17.12
N ILE C 21 -0.35 9.47 17.85
CA ILE C 21 -1.28 10.42 17.21
C ILE C 21 -0.64 11.78 17.17
N ILE C 22 -0.52 12.34 15.97
CA ILE C 22 0.11 13.62 15.88
C ILE C 22 -0.83 14.66 15.28
N SER C 23 -0.60 15.91 15.66
CA SER C 23 -1.32 17.04 15.08
C SER C 23 -0.33 18.11 14.70
N TRP C 24 -0.80 19.06 13.92
CA TRP C 24 -0.03 20.22 13.52
C TRP C 24 -1.02 21.35 13.24
N LYS C 25 -0.47 22.50 12.87
CA LYS C 25 -1.29 23.60 12.37
C LYS C 25 -0.97 23.91 10.91
N GLN C 26 -2.01 24.25 10.18
CA GLN C 26 -1.88 24.67 8.77
CA GLN C 26 -1.92 24.65 8.77
C GLN C 26 -0.82 25.73 8.63
N PRO C 27 -0.12 25.75 7.47
CA PRO C 27 0.80 26.89 7.29
C PRO C 27 0.00 28.19 7.10
N ALA C 28 0.53 29.31 7.58
CA ALA C 28 -0.07 30.63 7.35
C ALA C 28 -0.07 31.02 5.86
N VAL C 29 0.93 30.57 5.11
CA VAL C 29 1.03 30.82 3.65
C VAL C 29 0.76 29.52 2.89
N ASP C 30 -0.20 29.55 1.97
CA ASP C 30 -0.55 28.38 1.15
C ASP C 30 0.02 28.41 -0.28
N GLY C 31 0.81 29.44 -0.58
CA GLY C 31 1.45 29.60 -1.89
C GLY C 31 0.58 30.16 -2.99
N GLY C 32 -0.62 30.64 -2.66
CA GLY C 32 -1.58 31.18 -3.65
C GLY C 32 -2.55 30.15 -4.21
N SER C 33 -2.47 28.90 -3.74
CA SER C 33 -3.44 27.84 -4.09
C SER C 33 -3.89 27.14 -2.81
N PRO C 34 -5.12 26.56 -2.80
CA PRO C 34 -5.58 25.80 -1.62
C PRO C 34 -4.69 24.62 -1.23
N ILE C 35 -4.52 24.43 0.07
CA ILE C 35 -3.79 23.24 0.57
C ILE C 35 -4.63 22.04 0.22
N LEU C 36 -4.12 21.13 -0.59
CA LEU C 36 -4.83 19.89 -0.92
C LEU C 36 -4.73 18.84 0.22
N GLY C 37 -3.69 18.94 1.06
CA GLY C 37 -3.49 17.95 2.14
C GLY C 37 -2.04 17.87 2.60
N TYR C 38 -1.69 16.76 3.23
CA TYR C 38 -0.48 16.70 4.05
C TYR C 38 0.18 15.33 4.00
N PHE C 39 1.49 15.32 4.01
CA PHE C 39 2.28 14.11 4.19
C PHE C 39 2.92 14.19 5.54
N ILE C 40 2.90 13.09 6.26
CA ILE C 40 3.50 12.97 7.57
C ILE C 40 4.66 11.98 7.40
N ASP C 41 5.84 12.39 7.82
CA ASP C 41 7.01 11.52 7.76
C ASP C 41 7.42 11.25 9.19
N LYS C 42 8.06 10.10 9.40
CA LYS C 42 8.67 9.73 10.68
C LYS C 42 10.14 9.35 10.51
N CYS C 43 10.88 9.51 11.61
CA CYS C 43 12.29 9.18 11.67
C CYS C 43 12.63 8.65 13.06
N GLU C 44 13.21 7.47 13.11
CA GLU C 44 13.69 6.91 14.40
C GLU C 44 14.83 7.80 14.89
N VAL C 45 14.76 8.13 16.16
CA VAL C 45 15.68 9.05 16.82
C VAL C 45 17.14 8.74 16.60
N GLY C 46 17.52 7.48 16.57
CA GLY C 46 18.97 7.20 16.25
C GLY C 46 19.45 7.62 14.83
N THR C 47 18.50 7.89 13.91
CA THR C 47 18.81 7.87 12.49
C THR C 47 18.50 9.17 11.70
N ASP C 48 18.79 9.14 10.39
CA ASP C 48 18.45 10.23 9.48
C ASP C 48 17.59 9.71 8.33
N SER C 49 16.95 8.56 8.51
CA SER C 49 16.13 7.95 7.49
C SER C 49 14.65 8.24 7.74
N TRP C 50 14.11 9.09 6.89
CA TRP C 50 12.69 9.47 6.99
C TRP C 50 11.85 8.54 6.13
N SER C 51 10.75 8.03 6.70
CA SER C 51 9.77 7.28 5.93
C SER C 51 8.46 8.03 5.89
N GLN C 52 7.80 8.00 4.74
CA GLN C 52 6.49 8.60 4.54
C GLN C 52 5.39 7.73 5.10
N CYS C 53 4.61 8.26 6.04
CA CYS C 53 3.63 7.44 6.75
C CYS C 53 2.35 7.23 5.94
N ASN C 54 2.00 8.18 5.07
CA ASN C 54 0.81 8.04 4.22
C ASN C 54 1.20 8.21 2.77
N ASP C 55 0.60 7.40 1.89
CA ASP C 55 0.89 7.39 0.45
C ASP C 55 0.20 8.51 -0.30
N THR C 56 -0.99 8.88 0.17
CA THR C 56 -1.77 9.97 -0.43
C THR C 56 -2.09 10.99 0.65
N PRO C 57 -2.11 12.28 0.27
CA PRO C 57 -2.21 13.29 1.30
C PRO C 57 -3.51 13.14 2.11
N VAL C 58 -3.45 13.49 3.38
CA VAL C 58 -4.63 13.49 4.23
C VAL C 58 -5.05 14.93 4.33
N LYS C 59 -6.34 15.17 4.28
CA LYS C 59 -6.81 16.53 4.42
C LYS C 59 -6.45 16.79 5.87
N PHE C 60 -6.75 17.97 6.39
CA PHE C 60 -6.17 18.40 7.62
C PHE C 60 -6.77 17.59 8.72
N ALA C 61 -5.99 16.82 9.49
CA ALA C 61 -6.56 16.06 10.59
C ALA C 61 -5.46 15.57 11.53
N ARG C 62 -5.82 15.14 12.73
CA ARG C 62 -4.85 14.40 13.60
C ARG C 62 -4.50 13.07 12.94
N PHE C 63 -3.24 12.75 12.64
CA PHE C 63 -2.88 11.51 11.95
C PHE C 63 -2.38 10.43 12.94
N PRO C 64 -2.96 9.23 12.91
CA PRO C 64 -2.39 8.12 13.67
C PRO C 64 -1.26 7.41 12.91
N VAL C 65 -0.04 7.57 13.41
CA VAL C 65 1.10 6.89 12.81
C VAL C 65 1.21 5.48 13.38
N THR C 66 1.36 4.50 12.49
CA THR C 66 1.52 3.09 12.84
C THR C 66 2.83 2.62 12.24
N GLY C 67 3.09 1.31 12.24
CA GLY C 67 4.36 0.77 11.74
C GLY C 67 5.51 1.05 12.68
N LEU C 68 5.25 1.03 13.98
CA LEU C 68 6.24 1.35 15.01
C LEU C 68 6.86 0.10 15.62
N ILE C 69 8.08 0.23 16.14
CA ILE C 69 8.79 -0.82 16.85
C ILE C 69 8.77 -0.43 18.33
N GLU C 70 8.19 -1.29 19.18
CA GLU C 70 7.98 -0.99 20.57
C GLU C 70 9.32 -0.66 21.24
N GLY C 71 9.35 0.44 21.99
CA GLY C 71 10.56 0.90 22.65
C GLY C 71 11.45 1.87 21.92
N ARG C 72 11.30 1.96 20.60
CA ARG C 72 12.05 2.94 19.81
C ARG C 72 11.34 4.28 19.89
N SER C 73 12.10 5.35 19.67
CA SER C 73 11.56 6.67 19.72
C SER C 73 11.58 7.27 18.33
N TYR C 74 10.62 8.13 18.05
CA TYR C 74 10.43 8.74 16.71
C TYR C 74 10.23 10.24 16.79
N ILE C 75 10.71 10.93 15.77
CA ILE C 75 10.38 12.34 15.57
C ILE C 75 9.55 12.43 14.29
N PHE C 76 8.73 13.45 14.19
CA PHE C 76 7.84 13.57 13.03
C PHE C 76 7.92 14.94 12.37
N ARG C 77 7.66 14.95 11.06
CA ARG C 77 7.51 16.21 10.33
C ARG C 77 6.36 16.05 9.36
N VAL C 78 5.84 17.20 8.92
CA VAL C 78 4.68 17.28 8.06
C VAL C 78 4.99 18.21 6.89
N ARG C 79 4.60 17.81 5.70
CA ARG C 79 4.78 18.57 4.46
C ARG C 79 3.40 18.88 3.93
N ALA C 80 3.17 20.10 3.50
CA ALA C 80 1.85 20.50 2.94
C ALA C 80 1.90 20.43 1.42
N VAL C 81 0.77 20.08 0.79
CA VAL C 81 0.72 19.96 -0.66
C VAL C 81 -0.35 20.92 -1.22
N ASN C 82 -0.01 21.62 -2.30
CA ASN C 82 -1.02 22.28 -3.12
C ASN C 82 -0.84 21.86 -4.57
N LYS C 83 -1.57 22.51 -5.47
CA LYS C 83 -1.50 22.18 -6.91
C LYS C 83 -0.11 22.32 -7.52
N MET C 84 0.69 23.20 -6.96
N MET C 84 0.70 23.21 -6.98
CA MET C 84 2.05 23.39 -7.43
CA MET C 84 2.09 23.38 -7.45
C MET C 84 3.02 22.27 -6.99
C MET C 84 3.01 22.24 -7.02
N GLY C 85 2.70 21.58 -5.89
CA GLY C 85 3.58 20.55 -5.34
C GLY C 85 3.63 20.57 -3.82
N ILE C 86 4.69 19.95 -3.31
CA ILE C 86 4.86 19.72 -1.89
C ILE C 86 5.77 20.81 -1.33
N GLY C 87 5.40 21.42 -0.21
CA GLY C 87 6.27 22.39 0.44
C GLY C 87 7.35 21.74 1.31
N PHE C 88 8.18 22.58 1.90
CA PHE C 88 9.22 22.14 2.83
C PHE C 88 8.58 21.58 4.11
N PRO C 89 9.27 20.63 4.75
CA PRO C 89 8.69 20.03 5.94
C PRO C 89 8.62 21.03 7.08
N SER C 90 7.71 20.81 7.99
CA SER C 90 7.71 21.54 9.25
C SER C 90 9.03 21.31 10.02
N ARG C 91 9.28 22.14 11.03
CA ARG C 91 10.23 21.80 12.12
C ARG C 91 9.81 20.42 12.63
N VAL C 92 10.81 19.62 13.01
CA VAL C 92 10.54 18.28 13.51
C VAL C 92 9.92 18.36 14.90
N SER C 93 9.10 17.36 15.23
CA SER C 93 8.49 17.26 16.55
C SER C 93 9.53 16.89 17.64
N GLU C 94 9.10 17.00 18.91
CA GLU C 94 9.81 16.37 20.01
C GLU C 94 9.73 14.87 19.84
N PRO C 95 10.72 14.15 20.37
CA PRO C 95 10.73 12.70 20.23
C PRO C 95 9.60 12.04 21.01
N VAL C 96 9.10 10.93 20.51
CA VAL C 96 8.05 10.19 21.18
C VAL C 96 8.44 8.74 21.21
N ALA C 97 8.40 8.14 22.41
CA ALA C 97 8.67 6.70 22.55
C ALA C 97 7.45 5.87 22.28
N ALA C 98 7.60 4.86 21.44
CA ALA C 98 6.54 3.92 21.25
C ALA C 98 6.54 2.94 22.43
N LEU C 99 5.90 3.38 23.51
CA LEU C 99 5.63 2.61 24.70
C LEU C 99 4.23 2.86 25.17
N ASP C 100 3.58 1.82 25.68
CA ASP C 100 2.29 1.99 26.32
C ASP C 100 2.46 2.88 27.55
N PRO C 101 1.46 3.70 27.87
CA PRO C 101 1.60 4.59 29.02
C PRO C 101 1.46 3.87 30.38
N ALA C 102 1.54 4.65 31.46
CA ALA C 102 1.12 4.25 32.85
C ALA C 102 1.59 2.89 33.34
N SER D 2 30.57 7.34 -1.77
CA SER D 2 29.32 8.15 -1.86
C SER D 2 28.06 7.32 -2.29
N THR D 3 27.00 8.06 -2.60
CA THR D 3 25.75 7.50 -3.15
C THR D 3 26.07 7.05 -4.61
N PRO D 4 25.33 6.07 -5.15
CA PRO D 4 25.70 5.59 -6.48
C PRO D 4 25.40 6.60 -7.58
N ALA D 5 26.05 6.41 -8.73
CA ALA D 5 25.73 7.19 -9.92
C ALA D 5 24.34 6.82 -10.45
N ALA D 6 23.88 7.56 -11.45
CA ALA D 6 22.56 7.35 -12.03
C ALA D 6 22.55 6.09 -12.93
N PRO D 7 21.47 5.27 -12.84
CA PRO D 7 21.31 4.20 -13.84
C PRO D 7 21.25 4.77 -15.26
N LEU D 8 21.56 3.93 -16.24
CA LEU D 8 21.61 4.31 -17.65
C LEU D 8 20.54 3.61 -18.48
N ASP D 9 20.15 4.25 -19.58
CA ASP D 9 19.38 3.60 -20.66
C ASP D 9 18.07 3.00 -20.21
N VAL D 10 17.24 3.80 -19.52
CA VAL D 10 15.92 3.33 -19.10
C VAL D 10 15.07 3.13 -20.36
N LYS D 11 14.47 1.95 -20.50
CA LYS D 11 13.78 1.54 -21.72
C LYS D 11 12.53 0.77 -21.37
N CYS D 12 11.60 0.71 -22.33
CA CYS D 12 10.38 -0.05 -22.20
C CYS D 12 10.49 -1.33 -23.01
N LEU D 13 10.28 -2.47 -22.35
CA LEU D 13 10.28 -3.76 -23.02
C LEU D 13 8.90 -4.12 -23.57
N GLU D 14 7.83 -3.65 -22.94
CA GLU D 14 6.47 -3.94 -23.41
C GLU D 14 5.53 -3.01 -22.66
N ALA D 15 4.49 -2.61 -23.36
CA ALA D 15 3.44 -1.82 -22.76
C ALA D 15 2.07 -2.37 -23.12
N ASN D 16 1.18 -2.29 -22.16
CA ASN D 16 -0.24 -2.38 -22.42
C ASN D 16 -0.92 -1.35 -21.54
N LYS D 17 -2.25 -1.30 -21.54
CA LYS D 17 -2.96 -0.34 -20.68
C LYS D 17 -2.93 -0.58 -19.17
N ASP D 18 -2.56 -1.81 -18.77
CA ASP D 18 -2.51 -2.22 -17.36
C ASP D 18 -1.10 -2.23 -16.73
N TYR D 19 -0.08 -2.53 -17.53
CA TYR D 19 1.29 -2.44 -17.01
C TYR D 19 2.30 -2.13 -18.11
N ILE D 20 3.38 -1.48 -17.70
CA ILE D 20 4.51 -1.17 -18.57
C ILE D 20 5.78 -1.75 -17.96
N ILE D 21 6.50 -2.55 -18.75
CA ILE D 21 7.72 -3.20 -18.26
C ILE D 21 8.89 -2.38 -18.63
N ILE D 22 9.67 -1.98 -17.65
CA ILE D 22 10.85 -1.22 -17.96
C ILE D 22 12.14 -1.91 -17.53
N SER D 23 13.22 -1.59 -18.22
CA SER D 23 14.56 -2.02 -17.84
C SER D 23 15.52 -0.85 -17.89
N TRP D 24 16.70 -1.07 -17.35
CA TRP D 24 17.76 -0.08 -17.34
C TRP D 24 19.06 -0.84 -17.20
N LYS D 25 20.16 -0.11 -17.19
CA LYS D 25 21.47 -0.69 -16.88
C LYS D 25 22.04 -0.10 -15.61
N GLN D 26 22.70 -0.94 -14.86
CA GLN D 26 23.40 -0.54 -13.62
CA GLN D 26 23.35 -0.52 -13.62
C GLN D 26 24.28 0.67 -13.88
N PRO D 27 24.48 1.53 -12.85
CA PRO D 27 25.43 2.63 -13.08
C PRO D 27 26.86 2.06 -13.10
N ALA D 28 27.73 2.66 -13.91
CA ALA D 28 29.15 2.26 -13.94
C ALA D 28 29.87 2.55 -12.59
N VAL D 29 29.43 3.59 -11.89
CA VAL D 29 29.96 3.95 -10.57
C VAL D 29 28.91 3.64 -9.48
N ASP D 30 29.32 2.87 -8.48
CA ASP D 30 28.43 2.49 -7.36
C ASP D 30 28.67 3.30 -6.06
N GLY D 31 29.60 4.25 -6.13
CA GLY D 31 29.93 5.12 -5.01
C GLY D 31 30.95 4.46 -4.10
N GLY D 32 30.56 4.27 -2.85
CA GLY D 32 31.45 3.64 -1.88
C GLY D 32 31.20 2.17 -1.67
N SER D 33 30.18 1.63 -2.34
CA SER D 33 29.50 0.46 -1.81
C SER D 33 28.65 -0.30 -2.85
N PRO D 34 28.29 -1.58 -2.56
CA PRO D 34 27.41 -2.33 -3.46
C PRO D 34 26.03 -1.69 -3.67
N ILE D 35 25.54 -1.73 -4.89
CA ILE D 35 24.18 -1.27 -5.19
C ILE D 35 23.22 -2.22 -4.50
N LEU D 36 22.42 -1.71 -3.59
CA LEU D 36 21.43 -2.55 -2.93
C LEU D 36 20.14 -2.77 -3.73
N GLY D 37 19.86 -1.86 -4.67
CA GLY D 37 18.64 -1.97 -5.49
C GLY D 37 18.23 -0.63 -6.07
N TYR D 38 16.97 -0.55 -6.46
CA TYR D 38 16.53 0.51 -7.36
C TYR D 38 15.13 0.98 -7.05
N PHE D 39 14.90 2.28 -7.21
CA PHE D 39 13.57 2.87 -7.18
C PHE D 39 13.23 3.32 -8.58
N ILE D 40 12.00 3.06 -8.98
CA ILE D 40 11.51 3.41 -10.28
C ILE D 40 10.41 4.44 -10.03
N ASP D 41 10.52 5.57 -10.69
CA ASP D 41 9.52 6.63 -10.58
C ASP D 41 8.88 6.80 -11.92
N LYS D 42 7.62 7.25 -11.90
CA LYS D 42 6.89 7.57 -13.10
C LYS D 42 6.30 8.98 -13.04
N CYS D 43 6.10 9.56 -14.23
CA CYS D 43 5.53 10.87 -14.38
C CYS D 43 4.66 10.87 -15.65
N GLU D 44 3.41 11.28 -15.50
CA GLU D 44 2.54 11.48 -16.63
C GLU D 44 3.11 12.62 -17.48
N VAL D 45 3.18 12.38 -18.78
CA VAL D 45 3.81 13.34 -19.72
C VAL D 45 3.28 14.76 -19.67
N GLY D 46 2.00 14.96 -19.39
CA GLY D 46 1.54 16.37 -19.22
C GLY D 46 2.17 17.13 -18.03
N THR D 47 2.77 16.41 -17.08
CA THR D 47 3.04 16.95 -15.75
C THR D 47 4.51 16.93 -15.28
N ASP D 48 4.71 17.40 -14.05
CA ASP D 48 6.02 17.39 -13.38
C ASP D 48 5.93 16.64 -12.05
N SER D 49 4.89 15.84 -11.85
CA SER D 49 4.69 15.09 -10.61
C SER D 49 5.18 13.67 -10.74
N TRP D 50 6.27 13.39 -10.02
CA TRP D 50 6.84 12.05 -10.02
C TRP D 50 6.23 11.26 -8.87
N SER D 51 5.79 10.03 -9.14
CA SER D 51 5.39 9.09 -8.09
C SER D 51 6.35 7.90 -8.08
N GLN D 52 6.67 7.43 -6.87
CA GLN D 52 7.51 6.25 -6.68
C GLN D 52 6.71 4.97 -6.87
N CYS D 53 7.15 4.12 -7.80
CA CYS D 53 6.34 2.94 -8.17
C CYS D 53 6.53 1.80 -7.17
N ASN D 54 7.70 1.72 -6.54
CA ASN D 54 7.96 0.67 -5.53
C ASN D 54 8.39 1.29 -4.23
N ASP D 55 7.89 0.74 -3.12
CA ASP D 55 8.16 1.24 -1.76
C ASP D 55 9.52 0.82 -1.23
N THR D 56 9.97 -0.37 -1.63
CA THR D 56 11.26 -0.89 -1.24
C THR D 56 12.06 -1.23 -2.49
N PRO D 57 13.39 -1.02 -2.45
CA PRO D 57 14.16 -1.18 -3.68
C PRO D 57 14.05 -2.61 -4.26
N VAL D 58 14.11 -2.71 -5.57
CA VAL D 58 14.11 -4.01 -6.27
C VAL D 58 15.54 -4.25 -6.74
N LYS D 59 16.00 -5.48 -6.63
CA LYS D 59 17.38 -5.81 -7.01
C LYS D 59 17.57 -5.89 -8.54
N PHE D 60 16.54 -6.37 -9.19
CA PHE D 60 16.58 -6.76 -10.60
C PHE D 60 16.34 -5.56 -11.49
N ALA D 61 16.64 -5.73 -12.77
CA ALA D 61 16.64 -4.64 -13.77
C ALA D 61 15.45 -4.66 -14.77
N ARG D 62 14.28 -5.19 -14.38
CA ARG D 62 13.02 -5.21 -15.21
C ARG D 62 11.70 -5.20 -14.43
N PHE D 63 11.25 -3.99 -14.18
CA PHE D 63 10.15 -3.75 -13.30
C PHE D 63 8.82 -3.57 -14.04
N PRO D 64 7.76 -4.27 -13.62
CA PRO D 64 6.43 -3.99 -14.15
C PRO D 64 5.70 -2.86 -13.40
N VAL D 65 5.58 -1.72 -14.07
CA VAL D 65 4.88 -0.58 -13.48
C VAL D 65 3.39 -0.73 -13.70
N THR D 66 2.62 -0.59 -12.62
CA THR D 66 1.15 -0.67 -12.63
C THR D 66 0.65 0.63 -12.08
N GLY D 67 -0.64 0.72 -11.81
CA GLY D 67 -1.26 1.98 -11.35
C GLY D 67 -1.39 3.00 -12.48
N LEU D 68 -1.67 2.52 -13.69
CA LEU D 68 -1.73 3.35 -14.90
C LEU D 68 -3.17 3.69 -15.28
N ILE D 69 -3.35 4.83 -15.93
CA ILE D 69 -4.63 5.26 -16.47
C ILE D 69 -4.56 5.05 -17.98
N GLU D 70 -5.47 4.24 -18.51
CA GLU D 70 -5.47 3.85 -19.91
C GLU D 70 -5.49 5.11 -20.78
N GLY D 71 -4.61 5.15 -21.76
CA GLY D 71 -4.50 6.26 -22.67
C GLY D 71 -3.54 7.37 -22.33
N ARG D 72 -3.11 7.44 -21.07
CA ARG D 72 -2.16 8.46 -20.65
C ARG D 72 -0.78 7.93 -20.97
N SER D 73 0.16 8.84 -21.10
CA SER D 73 1.51 8.45 -21.42
C SER D 73 2.41 8.83 -20.24
N TYR D 74 3.45 8.01 -20.06
CA TYR D 74 4.34 8.13 -18.88
C TYR D 74 5.80 8.09 -19.29
N ILE D 75 6.59 8.85 -18.56
CA ILE D 75 8.04 8.74 -18.68
C ILE D 75 8.53 8.15 -17.37
N PHE D 76 9.68 7.49 -17.40
CA PHE D 76 10.20 6.85 -16.22
C PHE D 76 11.64 7.24 -15.92
N ARG D 77 11.99 7.17 -14.64
CA ARG D 77 13.38 7.28 -14.23
C ARG D 77 13.63 6.26 -13.15
N VAL D 78 14.92 5.97 -12.96
CA VAL D 78 15.38 5.00 -11.97
C VAL D 78 16.48 5.60 -11.11
N ARG D 79 16.41 5.37 -9.81
CA ARG D 79 17.40 5.85 -8.85
C ARG D 79 18.03 4.61 -8.23
N ALA D 80 19.35 4.61 -8.10
CA ALA D 80 20.07 3.48 -7.49
C ALA D 80 20.34 3.76 -6.02
N VAL D 81 20.35 2.72 -5.21
CA VAL D 81 20.52 2.84 -3.77
C VAL D 81 21.73 2.05 -3.35
N ASN D 82 22.57 2.63 -2.51
CA ASN D 82 23.57 1.86 -1.75
C ASN D 82 23.45 2.19 -0.26
N LYS D 83 24.41 1.70 0.54
CA LYS D 83 24.37 1.94 2.01
C LYS D 83 24.40 3.43 2.39
N MET D 84 24.99 4.26 1.54
CA MET D 84 25.05 5.71 1.77
C MET D 84 23.73 6.42 1.50
N GLY D 85 22.88 5.86 0.65
CA GLY D 85 21.63 6.48 0.26
C GLY D 85 21.31 6.30 -1.20
N ILE D 86 20.44 7.18 -1.68
CA ILE D 86 19.87 7.11 -3.01
C ILE D 86 20.62 8.07 -3.92
N GLY D 87 21.04 7.60 -5.10
CA GLY D 87 21.70 8.46 -6.08
C GLY D 87 20.71 9.27 -6.90
N PHE D 88 21.25 10.11 -7.77
CA PHE D 88 20.46 10.92 -8.69
C PHE D 88 19.74 10.02 -9.71
N PRO D 89 18.58 10.48 -10.20
CA PRO D 89 17.84 9.65 -11.11
C PRO D 89 18.54 9.53 -12.45
N SER D 90 18.28 8.45 -13.15
CA SER D 90 18.70 8.31 -14.53
C SER D 90 18.09 9.42 -15.37
N ARG D 91 18.62 9.61 -16.57
CA ARG D 91 17.91 10.36 -17.59
C ARG D 91 16.54 9.72 -17.76
N VAL D 92 15.54 10.53 -18.07
CA VAL D 92 14.18 10.02 -18.19
C VAL D 92 14.04 9.19 -19.47
N SER D 93 13.15 8.21 -19.44
CA SER D 93 12.84 7.37 -20.62
C SER D 93 12.05 8.13 -21.67
N GLU D 94 11.95 7.52 -22.85
CA GLU D 94 11.03 7.97 -23.86
CA GLU D 94 11.04 7.99 -23.85
C GLU D 94 9.62 7.73 -23.32
N PRO D 95 8.66 8.54 -23.77
CA PRO D 95 7.29 8.36 -23.28
C PRO D 95 6.68 7.03 -23.71
N VAL D 96 5.82 6.46 -22.87
CA VAL D 96 5.12 5.26 -23.20
C VAL D 96 3.66 5.48 -22.91
N ALA D 97 2.82 5.19 -23.91
CA ALA D 97 1.38 5.20 -23.73
C ALA D 97 0.85 3.92 -23.09
N ALA D 98 0.01 4.07 -22.11
CA ALA D 98 -0.67 2.96 -21.54
C ALA D 98 -1.86 2.58 -22.42
N LEU D 99 -1.56 1.87 -23.49
CA LEU D 99 -2.53 1.31 -24.40
C LEU D 99 -2.15 -0.10 -24.71
N ASP D 100 -3.16 -0.94 -24.92
CA ASP D 100 -2.91 -2.29 -25.44
C ASP D 100 -2.35 -2.20 -26.84
N PRO D 101 -1.47 -3.15 -27.19
CA PRO D 101 -0.86 -3.07 -28.51
C PRO D 101 -1.80 -3.53 -29.64
N ALA D 102 -1.29 -3.51 -30.87
CA ALA D 102 -1.92 -4.17 -32.06
C ALA D 102 -3.42 -3.93 -32.19
#